data_1IVB
#
_entry.id   1IVB
#
_cell.length_a   124.540
_cell.length_b   124.540
_cell.length_c   71.820
_cell.angle_alpha   90.00
_cell.angle_beta   90.00
_cell.angle_gamma   90.00
#
_symmetry.space_group_name_H-M   'P 4 21 2'
#
loop_
_entity.id
_entity.type
_entity.pdbx_description
1 polymer 'INFLUENZA VIRUS B/LEE/40 NEURAMINIDASE'
2 non-polymer 2-acetamido-2-deoxy-beta-D-glucopyranose
3 non-polymer 'CALCIUM ION'
4 non-polymer '4-(ACETYLAMINO)-3-HYDROXY-5-NITROBENZOIC ACID'
#
_entity_poly.entity_id   1
_entity_poly.type   'polypeptide(L)'
_entity_poly.pdbx_seq_one_letter_code
;EPEWTYPRLSCQGSTFQKALLISPHRFGEIKGNSAPLIIREPFVACGPKECRHFALTHYAAQPGGYYNGTRKDRNKLRHL
VSVKLGKIPTVENSIFHMAAWSGSACHDGREWTYIGVDGPDNDALVKIKYGEAYTDTYHSYAHNILRTQESACNCIGGDC
YLMITDGSASGISKCRFLKIREGRIIKEILPTGRVEHTEECTCGFASNKTIECACRDNSYTAKRPFVKLNVETDTAEIRL
MCTKTYLDTPRPDDGSIAGPCESNGDKWLGGIKGGFVHQRMASKIGRWYSRTMSKTNRMGMELYVRYDGDPWTDSDALTL
SGVMVSIEEPGWYSFGFEIKDKKCDVPCIGIEMVHDGGKDTWHSAATAIYCLMGSGQLLWDTVTGVDMAL
;
_entity_poly.pdbx_strand_id   A
#
# COMPACT_ATOMS: atom_id res chain seq x y z
N GLU A 1 -27.21 -7.95 -14.44
CA GLU A 1 -25.75 -8.17 -14.18
C GLU A 1 -25.32 -7.13 -13.11
N PRO A 2 -24.01 -7.11 -12.76
CA PRO A 2 -23.38 -6.20 -11.77
C PRO A 2 -23.46 -4.71 -12.08
N GLU A 3 -23.37 -3.88 -11.03
CA GLU A 3 -23.39 -2.40 -11.12
C GLU A 3 -22.04 -1.78 -10.65
N TRP A 4 -21.71 -0.56 -11.11
CA TRP A 4 -20.45 0.15 -10.71
C TRP A 4 -20.37 0.55 -9.20
N THR A 5 -19.16 0.46 -8.64
CA THR A 5 -18.86 0.76 -7.22
C THR A 5 -18.56 2.24 -7.03
N TYR A 6 -18.92 2.76 -5.87
CA TYR A 6 -18.66 4.16 -5.48
C TYR A 6 -18.46 4.02 -3.99
N PRO A 7 -17.72 4.95 -3.38
CA PRO A 7 -17.58 4.74 -1.94
C PRO A 7 -18.85 5.25 -1.27
N ARG A 8 -19.19 4.70 -0.12
CA ARG A 8 -20.38 5.13 0.61
C ARG A 8 -19.84 5.63 1.95
N LEU A 9 -20.75 5.81 2.93
CA LEU A 9 -20.24 6.23 4.21
C LEU A 9 -19.72 4.97 4.84
N SER A 10 -18.59 5.12 5.52
CA SER A 10 -17.99 3.99 6.20
C SER A 10 -18.93 3.46 7.31
N CYS A 11 -18.76 2.18 7.67
CA CYS A 11 -19.56 1.62 8.72
C CYS A 11 -19.24 2.41 10.00
N GLN A 12 -20.06 2.21 11.01
CA GLN A 12 -19.91 2.89 12.28
C GLN A 12 -18.96 2.17 13.24
N GLY A 13 -17.96 2.89 13.76
CA GLY A 13 -16.98 2.32 14.68
C GLY A 13 -16.21 3.49 15.25
N SER A 14 -15.28 3.27 16.17
CA SER A 14 -14.54 4.39 16.78
C SER A 14 -13.04 4.12 16.87
N THR A 15 -12.71 2.84 16.82
CA THR A 15 -11.35 2.38 16.83
C THR A 15 -11.27 1.13 15.95
N PHE A 16 -10.03 0.73 15.70
CA PHE A 16 -9.70 -0.45 14.91
C PHE A 16 -9.34 -1.48 15.92
N GLN A 17 -9.52 -2.73 15.54
CA GLN A 17 -9.15 -3.85 16.39
C GLN A 17 -8.42 -4.80 15.45
N LYS A 18 -7.78 -5.81 16.02
CA LYS A 18 -7.06 -6.84 15.28
C LYS A 18 -8.04 -7.81 14.62
N ALA A 19 -7.98 -7.85 13.30
CA ALA A 19 -8.84 -8.70 12.48
C ALA A 19 -8.24 -10.07 12.11
N LEU A 20 -7.19 -10.09 11.29
CA LEU A 20 -6.64 -11.38 10.82
C LEU A 20 -5.13 -11.47 10.54
N LEU A 21 -4.60 -12.70 10.55
CA LEU A 21 -3.20 -12.93 10.30
C LEU A 21 -2.95 -14.13 9.40
N ILE A 22 -2.20 -13.87 8.34
CA ILE A 22 -1.81 -14.86 7.33
C ILE A 22 -0.29 -14.98 7.43
N SER A 23 0.14 -16.03 8.10
CA SER A 23 1.54 -16.27 8.29
C SER A 23 1.80 -17.64 7.64
N PRO A 24 2.16 -17.61 6.33
CA PRO A 24 2.43 -18.81 5.56
C PRO A 24 3.65 -19.57 6.04
N HIS A 25 4.65 -18.85 6.44
CA HIS A 25 5.88 -19.47 6.87
C HIS A 25 5.84 -20.21 8.17
N ARG A 26 4.69 -20.12 8.84
CA ARG A 26 4.42 -20.85 10.08
C ARG A 26 4.27 -22.29 9.62
N PHE A 27 4.12 -22.42 8.32
CA PHE A 27 3.94 -23.69 7.68
C PHE A 27 5.06 -23.91 6.66
N GLY A 28 6.25 -23.37 6.94
CA GLY A 28 7.35 -23.53 5.99
C GLY A 28 8.57 -24.31 6.45
N GLU A 29 8.46 -25.03 7.57
CA GLU A 29 9.56 -25.81 8.11
C GLU A 29 9.99 -26.84 7.11
N ILE A 30 11.27 -27.16 7.12
CA ILE A 30 11.78 -28.21 6.23
C ILE A 30 11.10 -29.58 6.59
N LYS A 31 10.59 -29.67 7.83
CA LYS A 31 9.95 -30.85 8.35
C LYS A 31 8.44 -30.78 8.17
N GLY A 32 8.00 -29.71 7.55
CA GLY A 32 6.60 -29.57 7.26
C GLY A 32 6.35 -30.13 5.87
N ASN A 33 5.07 -30.20 5.48
CA ASN A 33 4.64 -30.70 4.18
C ASN A 33 3.94 -29.64 3.39
N SER A 34 4.27 -28.39 3.68
CA SER A 34 3.65 -27.25 3.00
C SER A 34 4.57 -26.42 2.13
N ALA A 35 3.96 -25.52 1.35
CA ALA A 35 4.74 -24.72 0.44
C ALA A 35 4.30 -23.29 0.22
N PRO A 36 4.63 -22.42 1.17
CA PRO A 36 4.29 -21.00 1.06
C PRO A 36 5.31 -20.31 0.16
N LEU A 37 4.80 -19.45 -0.70
CA LEU A 37 5.61 -18.69 -1.67
C LEU A 37 6.38 -17.53 -1.06
N ILE A 38 7.58 -17.28 -1.60
CA ILE A 38 8.41 -16.19 -1.14
C ILE A 38 7.75 -15.04 -1.82
N ILE A 39 7.25 -14.10 -1.04
CA ILE A 39 6.58 -12.90 -1.56
C ILE A 39 6.87 -11.74 -0.63
N ARG A 40 6.50 -10.54 -1.08
CA ARG A 40 6.61 -9.29 -0.32
C ARG A 40 5.67 -8.37 -1.07
N GLU A 41 5.54 -7.15 -0.62
CA GLU A 41 4.64 -6.20 -1.28
C GLU A 41 3.19 -6.73 -1.29
N PRO A 42 2.70 -7.26 -0.14
CA PRO A 42 1.33 -7.76 -0.07
C PRO A 42 0.29 -6.66 0.06
N PHE A 43 -0.90 -6.93 -0.41
CA PHE A 43 -1.96 -5.97 -0.30
C PHE A 43 -3.28 -6.69 -0.52
N VAL A 44 -4.35 -6.04 -0.09
CA VAL A 44 -5.67 -6.61 -0.18
C VAL A 44 -6.51 -5.61 -0.93
N ALA A 45 -7.31 -6.10 -1.86
CA ALA A 45 -8.21 -5.23 -2.61
C ALA A 45 -9.52 -5.97 -2.43
N CYS A 46 -10.55 -5.28 -1.94
CA CYS A 46 -11.83 -5.93 -1.74
C CYS A 46 -12.90 -5.61 -2.75
N GLY A 47 -13.35 -6.59 -3.50
CA GLY A 47 -14.42 -6.32 -4.44
C GLY A 47 -15.71 -6.45 -3.63
N PRO A 48 -16.86 -6.41 -4.34
CA PRO A 48 -18.23 -6.51 -3.78
C PRO A 48 -18.42 -7.74 -2.87
N LYS A 49 -18.37 -8.93 -3.48
CA LYS A 49 -18.53 -10.22 -2.79
C LYS A 49 -17.24 -10.83 -2.21
N GLU A 50 -16.09 -10.21 -2.44
CA GLU A 50 -14.85 -10.80 -1.93
C GLU A 50 -13.62 -9.89 -1.85
N CYS A 51 -12.67 -10.29 -1.02
CA CYS A 51 -11.40 -9.61 -0.88
C CYS A 51 -10.36 -10.62 -1.35
N ARG A 52 -9.28 -10.09 -1.95
CA ARG A 52 -8.13 -10.85 -2.45
C ARG A 52 -6.85 -10.33 -1.79
N HIS A 53 -5.97 -11.27 -1.49
CA HIS A 53 -4.68 -11.00 -0.89
C HIS A 53 -3.69 -11.14 -2.05
N PHE A 54 -3.13 -10.04 -2.51
CA PHE A 54 -2.15 -10.06 -3.60
C PHE A 54 -0.71 -9.89 -3.02
N ALA A 55 0.27 -10.20 -3.86
CA ALA A 55 1.69 -10.09 -3.52
C ALA A 55 2.55 -10.46 -4.74
N LEU A 56 3.82 -10.07 -4.70
CA LEU A 56 4.79 -10.36 -5.76
C LEU A 56 5.64 -11.47 -5.19
N THR A 57 5.50 -12.64 -5.78
CA THR A 57 6.26 -13.81 -5.38
C THR A 57 7.55 -13.81 -6.20
N HIS A 58 8.58 -14.45 -5.66
CA HIS A 58 9.84 -14.55 -6.35
C HIS A 58 9.85 -15.87 -7.11
N TYR A 59 8.65 -16.37 -7.42
CA TYR A 59 8.40 -17.63 -8.12
C TYR A 59 9.12 -18.70 -7.35
N ALA A 60 9.03 -18.61 -6.03
CA ALA A 60 9.72 -19.56 -5.19
C ALA A 60 8.93 -19.87 -3.90
N ALA A 61 9.15 -21.06 -3.34
CA ALA A 61 8.45 -21.46 -2.12
C ALA A 61 9.41 -21.89 -1.00
N GLN A 62 8.89 -21.90 0.23
CA GLN A 62 9.70 -22.27 1.37
C GLN A 62 9.00 -23.47 1.99
N PRO A 63 9.72 -24.60 2.22
CA PRO A 63 11.14 -24.87 1.94
C PRO A 63 11.51 -25.08 0.46
N GLY A 64 12.78 -24.85 0.15
CA GLY A 64 13.24 -25.00 -1.21
C GLY A 64 14.71 -24.72 -1.36
N GLY A 65 15.10 -24.29 -2.55
CA GLY A 65 16.50 -23.97 -2.82
C GLY A 65 16.59 -22.99 -3.97
N TYR A 66 15.95 -21.85 -3.81
CA TYR A 66 15.90 -20.70 -4.74
C TYR A 66 15.79 -19.42 -3.88
N TYR A 67 16.41 -19.48 -2.70
CA TYR A 67 16.40 -18.40 -1.71
C TYR A 67 17.24 -17.20 -2.13
N ASN A 68 18.37 -17.48 -2.77
CA ASN A 68 19.28 -16.43 -3.22
C ASN A 68 18.59 -15.69 -4.39
N GLY A 69 18.23 -14.43 -4.13
CA GLY A 69 17.57 -13.60 -5.13
C GLY A 69 16.31 -12.99 -4.57
N THR A 70 15.81 -13.64 -3.54
CA THR A 70 14.58 -13.23 -2.86
C THR A 70 14.58 -11.84 -2.16
N ARG A 71 15.73 -11.39 -1.67
CA ARG A 71 15.80 -10.09 -1.01
C ARG A 71 15.84 -8.95 -2.05
N LYS A 72 16.09 -9.29 -3.32
CA LYS A 72 16.16 -8.32 -4.43
C LYS A 72 14.73 -7.96 -4.84
N ASP A 73 14.54 -6.74 -5.31
CA ASP A 73 13.21 -6.30 -5.71
C ASP A 73 12.73 -6.64 -7.09
N ARG A 74 13.62 -6.55 -8.06
CA ARG A 74 13.22 -6.80 -9.43
C ARG A 74 14.05 -7.85 -10.19
N ASN A 75 13.35 -8.79 -10.80
CA ASN A 75 13.99 -9.80 -11.62
C ASN A 75 12.97 -10.32 -12.61
N LYS A 76 13.39 -11.28 -13.43
CA LYS A 76 12.48 -11.84 -14.41
C LYS A 76 11.55 -12.95 -13.89
N LEU A 77 11.64 -13.31 -12.59
CA LEU A 77 10.79 -14.37 -12.01
C LEU A 77 9.55 -13.90 -11.23
N ARG A 78 9.66 -12.72 -10.64
CA ARG A 78 8.59 -12.15 -9.85
C ARG A 78 7.25 -12.18 -10.57
N HIS A 79 6.17 -12.28 -9.82
CA HIS A 79 4.82 -12.32 -10.38
C HIS A 79 3.81 -11.80 -9.36
N LEU A 80 2.71 -11.31 -9.89
CA LEU A 80 1.62 -10.81 -9.07
C LEU A 80 0.70 -12.03 -8.91
N VAL A 81 0.54 -12.48 -7.66
CA VAL A 81 -0.32 -13.61 -7.36
C VAL A 81 -1.46 -13.17 -6.41
N SER A 82 -2.46 -14.02 -6.21
CA SER A 82 -3.55 -13.71 -5.30
C SER A 82 -4.20 -14.97 -4.84
N VAL A 83 -4.79 -14.86 -3.65
CA VAL A 83 -5.56 -15.92 -3.03
C VAL A 83 -6.68 -15.13 -2.40
N LYS A 84 -7.88 -15.71 -2.34
CA LYS A 84 -8.97 -15.01 -1.68
C LYS A 84 -8.51 -14.83 -0.20
N LEU A 85 -8.95 -13.76 0.43
CA LEU A 85 -8.52 -13.46 1.78
C LEU A 85 -8.93 -14.47 2.90
N GLY A 86 -7.92 -14.97 3.60
CA GLY A 86 -8.18 -15.95 4.63
C GLY A 86 -7.54 -17.25 4.23
N LYS A 87 -7.03 -17.32 3.00
CA LYS A 87 -6.35 -18.51 2.50
C LYS A 87 -4.84 -18.30 2.58
N ILE A 88 -4.09 -19.36 2.91
CA ILE A 88 -2.62 -19.27 2.97
C ILE A 88 -2.04 -19.36 1.50
N PRO A 89 -1.17 -18.40 1.15
CA PRO A 89 -0.50 -18.27 -0.15
C PRO A 89 0.55 -19.32 -0.38
N THR A 90 0.04 -20.46 -0.80
CA THR A 90 0.83 -21.64 -1.09
C THR A 90 0.92 -21.76 -2.62
N VAL A 91 1.73 -22.71 -3.09
CA VAL A 91 1.88 -22.91 -4.53
C VAL A 91 0.53 -23.23 -5.24
N GLU A 92 -0.29 -24.10 -4.67
CA GLU A 92 -1.56 -24.48 -5.31
C GLU A 92 -2.75 -23.58 -5.08
N ASN A 93 -2.80 -22.91 -3.92
CA ASN A 93 -3.94 -22.01 -3.63
C ASN A 93 -3.92 -20.78 -4.51
N SER A 94 -2.69 -20.28 -4.73
CA SER A 94 -2.40 -19.07 -5.50
C SER A 94 -2.61 -19.12 -7.02
N ILE A 95 -3.13 -18.02 -7.56
CA ILE A 95 -3.38 -17.85 -8.98
C ILE A 95 -2.28 -16.86 -9.39
N PHE A 96 -1.60 -17.09 -10.51
CA PHE A 96 -0.55 -16.18 -10.99
C PHE A 96 -1.25 -15.36 -12.06
N HIS A 97 -1.23 -14.03 -11.92
CA HIS A 97 -1.91 -13.14 -12.88
C HIS A 97 -1.12 -12.70 -14.11
N MET A 98 0.09 -12.23 -13.88
CA MET A 98 0.95 -11.79 -14.95
C MET A 98 2.31 -11.57 -14.29
N ALA A 99 3.33 -11.39 -15.13
CA ALA A 99 4.67 -11.13 -14.65
C ALA A 99 4.83 -9.63 -14.31
N ALA A 100 5.34 -9.37 -13.11
CA ALA A 100 5.56 -8.01 -12.67
C ALA A 100 6.46 -7.93 -11.44
N TRP A 101 7.16 -6.82 -11.28
CA TRP A 101 8.00 -6.64 -10.10
C TRP A 101 7.52 -5.38 -9.35
N SER A 102 6.35 -4.90 -9.78
CA SER A 102 5.68 -3.76 -9.17
C SER A 102 4.21 -3.93 -9.50
N GLY A 103 3.29 -3.47 -8.64
CA GLY A 103 1.89 -3.67 -8.97
C GLY A 103 0.78 -3.04 -8.14
N SER A 104 -0.46 -3.28 -8.58
CA SER A 104 -1.66 -2.77 -7.93
C SER A 104 -2.89 -3.62 -8.40
N ALA A 105 -4.03 -3.39 -7.75
CA ALA A 105 -5.25 -4.10 -8.09
C ALA A 105 -6.47 -3.38 -7.55
N CYS A 106 -7.61 -3.59 -8.22
CA CYS A 106 -8.91 -3.00 -7.87
C CYS A 106 -10.11 -3.61 -8.65
N HIS A 107 -11.22 -3.84 -7.93
CA HIS A 107 -12.43 -4.36 -8.53
C HIS A 107 -13.59 -3.33 -8.58
N ASP A 108 -13.94 -2.98 -9.81
CA ASP A 108 -15.00 -2.01 -10.17
C ASP A 108 -16.50 -2.46 -10.04
N GLY A 109 -16.83 -3.30 -9.06
CA GLY A 109 -18.22 -3.72 -9.00
C GLY A 109 -18.50 -4.75 -10.09
N ARG A 110 -17.79 -4.68 -11.22
CA ARG A 110 -17.99 -5.64 -12.29
C ARG A 110 -16.83 -6.63 -12.56
N GLU A 111 -15.59 -6.21 -12.40
CA GLU A 111 -14.46 -7.07 -12.71
C GLU A 111 -13.16 -6.57 -12.10
N TRP A 112 -12.19 -7.48 -12.06
CA TRP A 112 -10.86 -7.18 -11.55
C TRP A 112 -9.97 -6.65 -12.68
N THR A 113 -9.18 -5.66 -12.31
CA THR A 113 -8.19 -5.03 -13.19
C THR A 113 -6.96 -5.43 -12.41
N TYR A 114 -5.90 -5.76 -13.11
CA TYR A 114 -4.66 -6.13 -12.47
C TYR A 114 -3.64 -5.27 -13.19
N ILE A 115 -2.77 -4.63 -12.42
CA ILE A 115 -1.73 -3.79 -13.00
C ILE A 115 -0.41 -4.38 -12.59
N GLY A 116 0.52 -4.49 -13.54
CA GLY A 116 1.80 -5.05 -13.21
C GLY A 116 2.90 -4.37 -13.99
N VAL A 117 4.10 -4.29 -13.41
CA VAL A 117 5.18 -3.61 -14.10
C VAL A 117 6.44 -4.46 -14.35
N ASP A 118 6.90 -4.53 -15.58
CA ASP A 118 8.14 -5.22 -15.81
C ASP A 118 8.95 -4.75 -17.02
N GLY A 119 10.05 -5.42 -17.34
CA GLY A 119 10.85 -5.00 -18.48
C GLY A 119 12.16 -4.49 -17.95
N PRO A 120 12.96 -3.76 -18.74
CA PRO A 120 14.27 -3.21 -18.30
C PRO A 120 14.13 -1.98 -17.38
N ASP A 121 15.07 -1.81 -16.44
CA ASP A 121 15.07 -0.69 -15.51
C ASP A 121 15.02 0.66 -16.23
N ASN A 122 15.63 0.70 -17.42
CA ASN A 122 15.72 1.89 -18.29
C ASN A 122 14.49 2.01 -19.20
N ASP A 123 13.76 0.92 -19.35
CA ASP A 123 12.58 0.93 -20.19
C ASP A 123 11.58 -0.10 -19.68
N ALA A 124 11.12 0.12 -18.45
CA ALA A 124 10.13 -0.76 -17.83
C ALA A 124 8.78 -0.43 -18.46
N LEU A 125 7.75 -1.13 -18.02
CA LEU A 125 6.45 -0.94 -18.60
C LEU A 125 5.32 -1.41 -17.70
N VAL A 126 4.28 -0.58 -17.67
CA VAL A 126 3.04 -0.82 -16.93
C VAL A 126 2.14 -1.70 -17.82
N LYS A 127 1.48 -2.69 -17.23
CA LYS A 127 0.58 -3.57 -17.98
C LYS A 127 -0.77 -3.80 -17.28
N ILE A 128 -1.83 -3.61 -18.06
CA ILE A 128 -3.19 -3.76 -17.58
C ILE A 128 -3.78 -5.08 -18.06
N LYS A 129 -4.58 -5.69 -17.16
CA LYS A 129 -5.28 -6.95 -17.36
C LYS A 129 -6.68 -6.77 -16.78
N TYR A 130 -7.66 -6.88 -17.65
CA TYR A 130 -9.03 -6.74 -17.26
C TYR A 130 -9.54 -8.16 -17.22
N GLY A 131 -9.78 -8.65 -16.02
CA GLY A 131 -10.22 -10.03 -15.92
C GLY A 131 -9.07 -10.89 -16.43
N GLU A 132 -9.31 -11.69 -17.45
CA GLU A 132 -8.30 -12.59 -17.99
C GLU A 132 -7.56 -12.02 -19.22
N ALA A 133 -7.96 -10.82 -19.64
CA ALA A 133 -7.40 -10.24 -20.83
C ALA A 133 -6.36 -9.14 -20.72
N TYR A 134 -5.35 -9.28 -21.56
CA TYR A 134 -4.31 -8.27 -21.65
C TYR A 134 -4.96 -7.27 -22.60
N THR A 135 -5.02 -6.05 -22.10
CA THR A 135 -5.68 -4.96 -22.81
C THR A 135 -4.81 -3.74 -23.09
N ASP A 136 -3.80 -3.49 -22.24
CA ASP A 136 -2.98 -2.28 -22.42
C ASP A 136 -1.62 -2.19 -21.71
N THR A 137 -0.91 -1.11 -21.97
CA THR A 137 0.38 -0.86 -21.35
C THR A 137 0.63 0.63 -21.32
N TYR A 138 1.58 1.06 -20.48
CA TYR A 138 1.96 2.47 -20.37
C TYR A 138 3.47 2.52 -20.21
N HIS A 139 4.15 3.17 -21.14
CA HIS A 139 5.62 3.24 -21.16
C HIS A 139 6.37 4.10 -20.09
N SER A 140 7.67 3.79 -19.90
CA SER A 140 8.59 4.49 -18.98
C SER A 140 8.94 5.92 -19.50
N TYR A 141 8.35 6.93 -18.89
CA TYR A 141 8.60 8.30 -19.31
C TYR A 141 9.91 8.91 -18.83
N ALA A 142 10.32 8.57 -17.62
CA ALA A 142 11.57 9.10 -17.08
C ALA A 142 12.73 8.12 -17.12
N HIS A 143 12.49 6.97 -17.75
CA HIS A 143 13.50 5.94 -17.92
C HIS A 143 14.32 5.77 -16.68
N ASN A 144 13.65 5.42 -15.61
CA ASN A 144 14.35 5.22 -14.37
C ASN A 144 13.43 4.54 -13.42
N ILE A 145 13.25 3.23 -13.69
CA ILE A 145 12.41 2.29 -12.91
C ILE A 145 10.93 2.68 -12.76
N LEU A 146 10.17 2.50 -13.83
CA LEU A 146 8.74 2.79 -13.81
C LEU A 146 8.14 1.88 -12.73
N ARG A 147 7.41 2.47 -11.79
CA ARG A 147 6.83 1.68 -10.71
C ARG A 147 5.39 2.09 -10.52
N THR A 148 4.71 1.37 -9.64
CA THR A 148 3.34 1.69 -9.34
C THR A 148 3.14 1.64 -7.83
N GLN A 149 1.90 1.83 -7.37
CA GLN A 149 1.51 1.90 -5.95
C GLN A 149 1.92 0.90 -4.93
N GLU A 150 1.72 -0.38 -5.28
CA GLU A 150 1.98 -1.53 -4.44
C GLU A 150 0.83 -1.75 -3.46
N SER A 151 -0.27 -1.04 -3.72
CA SER A 151 -1.49 -1.12 -2.91
C SER A 151 -2.72 -1.07 -3.86
N ALA A 152 -3.92 -1.06 -3.32
CA ALA A 152 -5.12 -1.00 -4.16
C ALA A 152 -5.34 0.31 -4.97
N CYS A 153 -5.81 0.18 -6.20
CA CYS A 153 -6.14 1.34 -7.02
C CYS A 153 -7.61 1.69 -6.67
N ASN A 154 -8.11 2.86 -7.09
CA ASN A 154 -9.48 3.27 -6.70
C ASN A 154 -10.49 3.60 -7.81
N CYS A 155 -11.53 2.78 -7.91
CA CYS A 155 -12.57 2.94 -8.92
C CYS A 155 -13.85 3.62 -8.39
N ILE A 156 -14.44 4.47 -9.23
CA ILE A 156 -15.65 5.19 -8.89
C ILE A 156 -16.44 5.23 -10.19
N GLY A 157 -17.63 4.60 -10.18
CA GLY A 157 -18.48 4.53 -11.35
C GLY A 157 -17.81 4.14 -12.65
N GLY A 158 -17.06 3.04 -12.67
CA GLY A 158 -16.40 2.61 -13.88
C GLY A 158 -14.97 3.06 -14.16
N ASP A 159 -14.52 4.14 -13.53
CA ASP A 159 -13.17 4.64 -13.73
C ASP A 159 -12.36 4.38 -12.49
N CYS A 160 -11.16 3.86 -12.72
CA CYS A 160 -10.20 3.52 -11.67
C CYS A 160 -8.99 4.42 -11.87
N TYR A 161 -8.46 4.98 -10.80
CA TYR A 161 -7.27 5.82 -10.91
C TYR A 161 -6.14 5.15 -10.20
N LEU A 162 -5.00 5.17 -10.90
CA LEU A 162 -3.76 4.55 -10.50
C LEU A 162 -2.60 5.55 -10.47
N MET A 163 -1.70 5.38 -9.51
CA MET A 163 -0.53 6.23 -9.48
C MET A 163 0.66 5.42 -9.97
N ILE A 164 1.50 6.05 -10.77
CA ILE A 164 2.73 5.47 -11.28
C ILE A 164 3.79 6.55 -11.01
N THR A 165 5.04 6.24 -11.28
CA THR A 165 6.08 7.22 -11.10
C THR A 165 7.29 6.77 -11.89
N ASP A 166 8.38 7.52 -11.79
CA ASP A 166 9.57 7.19 -12.57
C ASP A 166 10.71 8.16 -12.25
N GLY A 167 11.89 7.63 -11.95
CA GLY A 167 12.98 8.51 -11.64
C GLY A 167 13.94 7.88 -10.67
N SER A 168 14.92 8.64 -10.26
CA SER A 168 15.91 8.14 -9.31
C SER A 168 15.35 8.21 -7.89
N ALA A 169 15.73 7.20 -7.10
CA ALA A 169 15.34 7.09 -5.70
C ALA A 169 16.00 8.23 -4.92
N SER A 170 17.25 8.54 -5.28
CA SER A 170 17.99 9.60 -4.63
C SER A 170 17.65 10.99 -5.20
N GLY A 171 16.91 11.03 -6.31
CA GLY A 171 16.57 12.30 -6.94
C GLY A 171 15.12 12.68 -7.22
N ILE A 172 14.86 13.10 -8.45
CA ILE A 172 13.53 13.54 -8.87
C ILE A 172 12.66 12.41 -9.47
N SER A 173 11.61 12.00 -8.74
CA SER A 173 10.69 10.96 -9.20
C SER A 173 9.30 11.57 -9.29
N LYS A 174 8.96 12.06 -10.47
CA LYS A 174 7.67 12.67 -10.62
C LYS A 174 6.60 11.72 -11.17
N CYS A 175 5.58 11.57 -10.34
CA CYS A 175 4.47 10.68 -10.62
C CYS A 175 3.34 11.24 -11.48
N ARG A 176 2.75 10.38 -12.30
CA ARG A 176 1.62 10.80 -13.10
C ARG A 176 0.47 10.02 -12.51
N PHE A 177 -0.69 10.11 -13.16
CA PHE A 177 -1.87 9.38 -12.75
C PHE A 177 -2.55 8.73 -13.95
N LEU A 178 -3.06 7.52 -13.74
CA LEU A 178 -3.74 6.77 -14.79
C LEU A 178 -5.21 6.51 -14.50
N LYS A 179 -6.05 6.93 -15.45
CA LYS A 179 -7.50 6.77 -15.40
C LYS A 179 -7.80 5.59 -16.34
N ILE A 180 -8.17 4.46 -15.77
CA ILE A 180 -8.42 3.24 -16.54
C ILE A 180 -9.91 2.87 -16.50
N ARG A 181 -10.50 2.58 -17.66
CA ARG A 181 -11.88 2.15 -17.73
C ARG A 181 -12.06 0.99 -18.72
N GLU A 182 -12.39 -0.16 -18.15
CA GLU A 182 -12.57 -1.43 -18.85
C GLU A 182 -11.21 -2.02 -19.23
N GLY A 183 -10.19 -1.67 -18.44
CA GLY A 183 -8.82 -2.15 -18.63
C GLY A 183 -7.98 -1.39 -19.63
N ARG A 184 -8.44 -0.18 -19.96
CA ARG A 184 -7.77 0.69 -20.91
C ARG A 184 -7.62 2.10 -20.36
N ILE A 185 -6.43 2.66 -20.48
CA ILE A 185 -6.13 4.02 -19.99
C ILE A 185 -6.87 5.13 -20.76
N ILE A 186 -7.87 5.75 -20.14
CA ILE A 186 -8.59 6.81 -20.84
C ILE A 186 -8.12 8.23 -20.51
N LYS A 187 -7.08 8.36 -19.68
CA LYS A 187 -6.50 9.67 -19.36
C LYS A 187 -5.25 9.58 -18.50
N GLU A 188 -4.36 10.52 -18.79
CA GLU A 188 -3.07 10.64 -18.17
C GLU A 188 -2.95 11.95 -17.42
N ILE A 189 -3.14 11.86 -16.11
CA ILE A 189 -3.07 12.99 -15.18
C ILE A 189 -1.63 13.30 -14.73
N LEU A 190 -1.28 14.59 -14.83
CA LEU A 190 0.03 15.12 -14.43
C LEU A 190 -0.27 16.03 -13.27
N PRO A 191 0.09 15.61 -12.07
CA PRO A 191 -0.18 16.41 -10.87
C PRO A 191 0.44 17.81 -10.80
N THR A 192 -0.04 18.58 -9.85
CA THR A 192 0.41 19.95 -9.65
C THR A 192 0.84 20.17 -8.19
N GLY A 193 1.74 21.11 -7.96
CA GLY A 193 2.14 21.36 -6.58
C GLY A 193 3.56 20.92 -6.41
N ARG A 194 3.92 20.51 -5.18
CA ARG A 194 5.28 20.05 -4.95
C ARG A 194 5.39 18.69 -5.61
N VAL A 195 6.13 18.62 -6.70
CA VAL A 195 6.22 17.37 -7.40
C VAL A 195 7.60 16.72 -7.49
N GLU A 196 8.51 17.14 -6.62
CA GLU A 196 9.89 16.60 -6.69
C GLU A 196 10.14 15.08 -6.57
N HIS A 197 9.50 14.43 -5.61
CA HIS A 197 9.62 12.97 -5.47
C HIS A 197 8.37 12.28 -4.87
N THR A 198 7.39 11.87 -5.68
CA THR A 198 6.25 11.15 -5.11
C THR A 198 6.19 9.70 -5.63
N GLU A 199 6.21 8.75 -4.71
CA GLU A 199 6.14 7.34 -5.07
C GLU A 199 5.33 6.52 -4.04
N GLU A 200 4.97 5.29 -4.41
CA GLU A 200 4.20 4.34 -3.57
C GLU A 200 3.02 4.98 -2.88
N CYS A 201 2.14 5.58 -3.68
CA CYS A 201 0.98 6.23 -3.15
C CYS A 201 -0.13 5.31 -2.65
N THR A 202 -0.50 5.48 -1.38
CA THR A 202 -1.59 4.74 -0.75
C THR A 202 -2.77 5.68 -0.92
N CYS A 203 -3.67 5.26 -1.77
CA CYS A 203 -4.82 6.07 -2.15
C CYS A 203 -6.14 5.51 -1.74
N GLY A 204 -7.00 6.42 -1.29
CA GLY A 204 -8.34 6.06 -0.88
C GLY A 204 -9.34 7.21 -1.10
N PHE A 205 -10.58 6.83 -1.36
CA PHE A 205 -11.65 7.81 -1.57
C PHE A 205 -11.99 8.59 -0.31
N ALA A 206 -11.92 9.91 -0.42
CA ALA A 206 -12.26 10.75 0.72
C ALA A 206 -13.67 11.27 0.49
N SER A 207 -14.37 10.61 -0.42
CA SER A 207 -15.74 10.95 -0.82
C SER A 207 -15.82 10.56 -2.28
N ASN A 208 -16.91 10.97 -2.94
CA ASN A 208 -17.08 10.71 -4.35
C ASN A 208 -16.28 11.68 -5.23
N LYS A 209 -16.19 12.94 -4.84
CA LYS A 209 -15.45 13.89 -5.67
C LYS A 209 -13.93 13.86 -5.49
N THR A 210 -13.44 13.17 -4.46
CA THR A 210 -12.00 13.16 -4.26
C THR A 210 -11.35 11.91 -3.65
N ILE A 211 -10.11 11.71 -4.07
CA ILE A 211 -9.23 10.64 -3.63
C ILE A 211 -7.93 11.29 -3.09
N GLU A 212 -7.48 10.83 -1.93
CA GLU A 212 -6.27 11.31 -1.28
C GLU A 212 -5.32 10.16 -1.01
N CYS A 213 -4.02 10.38 -1.26
CA CYS A 213 -3.01 9.36 -1.00
C CYS A 213 -1.94 9.98 -0.16
N ALA A 214 -1.43 9.19 0.79
CA ALA A 214 -0.31 9.60 1.65
C ALA A 214 0.70 8.77 0.92
N CYS A 215 1.85 9.33 0.60
CA CYS A 215 2.81 8.61 -0.21
C CYS A 215 4.27 8.58 0.26
N ARG A 216 5.17 8.33 -0.69
CA ARG A 216 6.58 8.22 -0.39
C ARG A 216 7.56 9.09 -1.20
N ASP A 217 8.43 9.77 -0.45
CA ASP A 217 9.49 10.61 -0.97
C ASP A 217 10.78 9.94 -0.47
N ASN A 218 11.52 9.33 -1.38
CA ASN A 218 12.72 8.60 -1.05
C ASN A 218 13.94 9.45 -0.70
N SER A 219 13.98 10.65 -1.27
CA SER A 219 15.09 11.56 -1.01
C SER A 219 14.72 12.65 0.04
N TYR A 220 14.69 13.89 -0.43
CA TYR A 220 14.37 15.18 0.23
C TYR A 220 13.70 15.38 1.61
N THR A 221 12.84 14.45 2.05
CA THR A 221 12.11 14.64 3.32
C THR A 221 11.62 13.37 4.03
N ALA A 222 11.36 13.53 5.32
CA ALA A 222 10.81 12.50 6.18
C ALA A 222 9.27 12.74 6.38
N LYS A 223 8.74 13.71 5.64
CA LYS A 223 7.31 14.04 5.65
C LYS A 223 6.75 13.28 4.47
N ARG A 224 5.44 13.18 4.38
CA ARG A 224 4.81 12.47 3.28
C ARG A 224 4.10 13.44 2.34
N PRO A 225 4.45 13.40 1.05
CA PRO A 225 3.72 14.32 0.17
C PRO A 225 2.27 13.77 0.12
N PHE A 226 1.31 14.66 0.31
CA PHE A 226 -0.10 14.31 0.33
C PHE A 226 -0.92 14.68 -0.93
N VAL A 227 -1.45 13.68 -1.63
CA VAL A 227 -2.23 13.94 -2.84
C VAL A 227 -3.73 14.11 -2.63
N LYS A 228 -4.32 14.87 -3.55
CA LYS A 228 -5.76 15.10 -3.58
C LYS A 228 -6.10 15.11 -5.08
N LEU A 229 -6.87 14.11 -5.49
CA LEU A 229 -7.27 14.03 -6.89
C LEU A 229 -8.76 14.29 -7.00
N ASN A 230 -9.11 15.32 -7.78
CA ASN A 230 -10.51 15.65 -8.00
C ASN A 230 -10.98 14.87 -9.17
N VAL A 231 -11.76 13.84 -8.87
CA VAL A 231 -12.31 12.94 -9.87
C VAL A 231 -13.23 13.62 -10.88
N GLU A 232 -13.69 14.83 -10.54
CA GLU A 232 -14.61 15.55 -11.43
C GLU A 232 -13.94 16.42 -12.51
N THR A 233 -12.79 16.99 -12.19
CA THR A 233 -12.10 17.82 -13.16
C THR A 233 -10.91 17.05 -13.71
N ASP A 234 -10.54 15.99 -12.99
CA ASP A 234 -9.45 15.13 -13.37
C ASP A 234 -8.14 15.87 -13.31
N THR A 235 -7.92 16.45 -12.15
CA THR A 235 -6.73 17.24 -11.88
C THR A 235 -6.11 16.72 -10.58
N ALA A 236 -4.79 16.86 -10.43
CA ALA A 236 -4.10 16.43 -9.20
C ALA A 236 -3.20 17.52 -8.61
N GLU A 237 -3.12 17.57 -7.28
CA GLU A 237 -2.33 18.58 -6.60
C GLU A 237 -1.71 17.90 -5.37
N ILE A 238 -0.41 18.05 -5.21
CA ILE A 238 0.27 17.41 -4.12
C ILE A 238 0.99 18.46 -3.26
N ARG A 239 1.03 18.21 -1.96
CA ARG A 239 1.74 19.06 -1.03
C ARG A 239 2.03 18.23 0.22
N LEU A 240 3.18 18.42 0.83
CA LEU A 240 3.57 17.70 2.03
C LEU A 240 2.61 17.84 3.23
N MET A 241 2.40 16.75 3.95
CA MET A 241 1.56 16.78 5.14
C MET A 241 2.35 17.58 6.15
N CYS A 242 1.66 18.52 6.79
CA CYS A 242 2.23 19.41 7.78
C CYS A 242 2.39 18.87 9.23
N THR A 243 1.73 17.75 9.55
CA THR A 243 1.82 17.20 10.90
C THR A 243 3.22 16.99 11.46
N LYS A 244 3.40 17.50 12.69
CA LYS A 244 4.64 17.38 13.44
C LYS A 244 4.92 15.87 13.68
N THR A 245 3.88 15.06 13.55
CA THR A 245 3.99 13.61 13.72
C THR A 245 4.40 13.06 12.37
N TYR A 246 5.70 12.96 12.12
CA TYR A 246 6.18 12.48 10.80
C TYR A 246 5.87 11.01 10.51
N LEU A 247 5.43 10.71 9.29
CA LEU A 247 5.02 9.36 8.94
C LEU A 247 5.96 8.45 8.16
N ASP A 248 6.93 9.03 7.47
CA ASP A 248 7.89 8.25 6.69
C ASP A 248 8.93 7.67 7.65
N THR A 249 9.78 6.77 7.16
CA THR A 249 10.90 6.15 7.92
C THR A 249 12.12 5.95 6.99
N PRO A 250 13.29 6.45 7.42
CA PRO A 250 13.50 7.17 8.69
C PRO A 250 12.93 8.58 8.80
N ARG A 251 12.94 9.08 10.03
CA ARG A 251 12.45 10.41 10.35
C ARG A 251 13.21 10.77 11.61
N PRO A 252 13.23 12.06 12.01
CA PRO A 252 13.93 12.45 13.23
C PRO A 252 12.86 12.56 14.33
N ASP A 253 13.19 13.20 15.44
CA ASP A 253 12.19 13.39 16.48
C ASP A 253 11.10 14.20 15.81
N ASP A 254 9.87 14.04 16.31
CA ASP A 254 8.72 14.73 15.74
C ASP A 254 8.76 16.16 16.13
N GLY A 255 8.21 17.00 15.27
CA GLY A 255 8.22 18.43 15.51
C GLY A 255 9.63 19.03 15.36
N SER A 256 10.60 18.21 14.95
CA SER A 256 11.97 18.69 14.76
C SER A 256 12.19 19.50 13.50
N ILE A 257 11.37 19.33 12.47
CA ILE A 257 11.62 20.09 11.24
C ILE A 257 11.04 21.46 11.33
N ALA A 258 11.88 22.43 11.64
CA ALA A 258 11.39 23.76 11.79
C ALA A 258 10.95 24.45 10.49
N GLY A 259 9.98 25.36 10.60
CA GLY A 259 9.58 26.11 9.42
C GLY A 259 8.21 25.88 8.86
N PRO A 260 7.83 26.64 7.82
CA PRO A 260 6.50 26.40 7.29
C PRO A 260 6.30 24.96 6.81
N CYS A 261 5.05 24.54 6.85
CA CYS A 261 4.60 23.20 6.45
C CYS A 261 5.36 22.62 5.28
N GLU A 262 5.55 23.49 4.29
CA GLU A 262 6.18 23.19 3.03
C GLU A 262 7.70 22.95 3.07
N SER A 263 8.26 22.91 4.27
CA SER A 263 9.71 22.71 4.40
C SER A 263 10.07 21.27 4.61
N ASN A 264 10.98 20.76 3.79
CA ASN A 264 11.41 19.37 3.89
C ASN A 264 12.28 19.09 5.12
N GLY A 265 13.11 20.06 5.44
CA GLY A 265 14.09 19.91 6.50
C GLY A 265 15.26 19.12 5.85
N ASP A 266 15.76 18.15 6.60
CA ASP A 266 16.84 17.29 6.13
C ASP A 266 16.25 16.17 5.26
N LYS A 267 17.08 15.64 4.34
CA LYS A 267 16.68 14.57 3.41
C LYS A 267 16.15 13.26 4.02
N TRP A 268 16.88 12.70 4.99
CA TRP A 268 16.52 11.43 5.66
C TRP A 268 16.31 10.34 4.60
N LEU A 269 17.35 10.19 3.78
CA LEU A 269 17.42 9.28 2.66
C LEU A 269 16.74 7.94 2.84
N GLY A 270 15.55 7.87 2.23
CA GLY A 270 14.76 6.68 2.32
C GLY A 270 13.33 7.03 2.64
N GLY A 271 12.53 5.97 2.58
CA GLY A 271 11.11 6.09 2.85
C GLY A 271 10.56 4.70 3.00
N ILE A 272 9.25 4.63 3.18
CA ILE A 272 8.57 3.37 3.37
C ILE A 272 7.09 3.67 3.09
N LYS A 273 6.34 2.62 2.80
CA LYS A 273 4.92 2.72 2.53
C LYS A 273 4.21 2.72 3.87
N GLY A 274 3.11 3.46 3.90
CA GLY A 274 2.33 3.58 5.11
C GLY A 274 0.90 3.52 4.72
N GLY A 275 0.11 2.91 5.58
CA GLY A 275 -1.29 2.74 5.33
C GLY A 275 -2.02 4.00 5.68
N PHE A 276 -2.96 4.33 4.80
CA PHE A 276 -3.76 5.53 4.97
C PHE A 276 -5.20 5.11 4.67
N VAL A 277 -6.13 5.43 5.56
CA VAL A 277 -7.51 5.08 5.31
C VAL A 277 -8.47 6.09 5.93
N HIS A 278 -9.46 6.45 5.14
CA HIS A 278 -10.46 7.40 5.54
C HIS A 278 -11.58 6.66 6.23
N GLN A 279 -12.35 7.40 7.01
CA GLN A 279 -13.53 6.93 7.71
C GLN A 279 -14.47 8.09 7.37
N ARG A 280 -15.14 7.98 6.22
CA ARG A 280 -16.06 9.04 5.76
C ARG A 280 -17.34 8.93 6.57
N MET A 281 -17.60 9.97 7.35
CA MET A 281 -18.78 10.00 8.18
C MET A 281 -19.70 10.97 7.50
N ALA A 282 -20.92 11.18 8.03
CA ALA A 282 -21.85 12.10 7.37
C ALA A 282 -21.38 13.55 7.47
N SER A 283 -21.21 14.03 8.69
CA SER A 283 -20.77 15.40 8.84
C SER A 283 -19.25 15.53 8.94
N LYS A 284 -18.53 14.41 8.90
CA LYS A 284 -17.10 14.54 9.07
C LYS A 284 -16.26 13.37 8.55
N ILE A 285 -14.94 13.56 8.56
CA ILE A 285 -14.04 12.55 8.06
C ILE A 285 -12.87 12.26 8.99
N GLY A 286 -12.51 10.99 9.02
CA GLY A 286 -11.39 10.53 9.81
C GLY A 286 -10.36 9.97 8.84
N ARG A 287 -9.08 10.25 9.08
CA ARG A 287 -7.99 9.72 8.25
C ARG A 287 -7.13 8.95 9.23
N TRP A 288 -6.80 7.71 8.88
CA TRP A 288 -6.00 6.85 9.72
C TRP A 288 -4.65 6.55 9.16
N TYR A 289 -3.66 6.83 10.00
CA TYR A 289 -2.29 6.59 9.61
C TYR A 289 -1.63 5.59 10.54
N SER A 290 -0.63 4.90 10.02
CA SER A 290 0.13 3.93 10.80
C SER A 290 1.59 4.21 10.39
N ARG A 291 2.52 4.05 11.31
CA ARG A 291 3.92 4.34 11.03
C ARG A 291 4.76 3.38 11.84
N THR A 292 6.04 3.25 11.49
CA THR A 292 6.88 2.34 12.22
C THR A 292 7.15 2.89 13.60
N MET A 293 7.28 2.03 14.59
CA MET A 293 7.63 2.49 15.92
C MET A 293 9.06 3.10 15.84
N SER A 294 10.01 2.32 15.29
CA SER A 294 11.38 2.75 15.11
C SER A 294 11.39 3.93 14.14
N LYS A 295 12.26 4.90 14.40
CA LYS A 295 12.38 6.09 13.54
C LYS A 295 13.48 5.96 12.50
N THR A 296 14.35 4.97 12.72
CA THR A 296 15.44 4.71 11.81
C THR A 296 15.26 3.33 11.16
N ASN A 297 14.56 2.45 11.87
CA ASN A 297 14.38 1.10 11.36
C ASN A 297 12.92 0.72 11.11
N ARG A 298 12.73 -0.50 10.63
CA ARG A 298 11.40 -1.02 10.33
C ARG A 298 10.85 -1.89 11.46
N MET A 299 11.11 -1.49 12.69
CA MET A 299 10.62 -2.26 13.82
C MET A 299 9.31 -1.70 14.46
N GLY A 300 8.29 -2.53 14.56
CA GLY A 300 7.05 -2.10 15.18
C GLY A 300 6.12 -1.36 14.24
N MET A 301 4.90 -1.18 14.72
CA MET A 301 3.85 -0.49 13.99
C MET A 301 2.78 0.09 14.93
N GLU A 302 2.52 1.38 14.77
CA GLU A 302 1.55 2.08 15.57
C GLU A 302 0.68 2.85 14.58
N LEU A 303 -0.58 3.05 14.97
CA LEU A 303 -1.54 3.72 14.13
C LEU A 303 -2.16 4.96 14.83
N TYR A 304 -2.40 6.03 14.06
CA TYR A 304 -2.97 7.29 14.51
C TYR A 304 -4.18 7.75 13.72
N VAL A 305 -4.76 8.84 14.22
CA VAL A 305 -5.91 9.47 13.61
C VAL A 305 -5.96 10.96 14.00
N ARG A 306 -6.84 11.64 13.30
CA ARG A 306 -7.11 13.06 13.43
C ARG A 306 -8.28 13.24 12.46
N TYR A 307 -9.44 13.59 12.99
CA TYR A 307 -10.62 13.80 12.17
C TYR A 307 -10.60 15.23 11.60
N ASP A 308 -11.07 15.34 10.35
CA ASP A 308 -11.17 16.61 9.64
C ASP A 308 -9.88 17.41 9.50
N GLY A 309 -10.01 18.73 9.39
CA GLY A 309 -8.82 19.56 9.26
C GLY A 309 -8.26 19.33 7.88
N ASP A 310 -7.10 19.94 7.57
CA ASP A 310 -6.47 19.81 6.25
C ASP A 310 -5.04 19.26 6.31
N PRO A 311 -4.80 18.04 5.75
CA PRO A 311 -3.50 17.33 5.69
C PRO A 311 -2.33 18.26 5.36
N TRP A 312 -2.65 19.25 4.52
CA TRP A 312 -1.71 20.20 4.03
C TRP A 312 -1.18 21.29 4.97
N THR A 313 -2.05 21.86 5.78
CA THR A 313 -1.64 22.95 6.65
C THR A 313 -1.43 22.68 8.15
N ASP A 314 -2.18 21.71 8.68
CA ASP A 314 -2.14 21.35 10.10
C ASP A 314 -0.80 20.95 10.66
N SER A 315 -0.15 21.86 11.38
CA SER A 315 1.17 21.58 11.95
C SER A 315 1.11 20.53 13.04
N ASP A 316 -0.02 20.52 13.73
CA ASP A 316 -0.34 19.66 14.86
C ASP A 316 0.05 18.18 14.83
N ALA A 317 0.11 17.61 16.02
CA ALA A 317 0.41 16.21 16.19
C ALA A 317 -0.87 15.43 15.95
N LEU A 318 -0.72 14.15 15.60
CA LEU A 318 -1.87 13.27 15.36
C LEU A 318 -2.21 12.54 16.68
N THR A 319 -3.40 11.97 16.77
CA THR A 319 -3.78 11.26 17.98
C THR A 319 -3.37 9.81 17.81
N LEU A 320 -2.48 9.33 18.68
CA LEU A 320 -2.04 7.95 18.64
C LEU A 320 -3.27 7.11 18.94
N SER A 321 -3.35 5.93 18.33
CA SER A 321 -4.53 5.11 18.54
C SER A 321 -4.22 3.68 18.96
N GLY A 322 -3.00 3.46 19.44
CA GLY A 322 -2.64 2.11 19.82
C GLY A 322 -1.51 1.57 18.97
N VAL A 323 -1.02 0.41 19.39
CA VAL A 323 0.08 -0.29 18.74
C VAL A 323 -0.37 -1.64 18.22
N MET A 324 -0.26 -1.80 16.92
CA MET A 324 -0.67 -3.02 16.25
C MET A 324 0.45 -4.07 16.27
N VAL A 325 1.69 -3.59 16.21
CA VAL A 325 2.88 -4.46 16.18
C VAL A 325 3.92 -3.88 17.15
N SER A 326 4.50 -4.72 18.03
CA SER A 326 5.47 -4.25 19.02
C SER A 326 6.90 -4.02 18.50
N ILE A 327 7.73 -3.24 19.19
CA ILE A 327 9.07 -2.99 18.67
C ILE A 327 9.88 -4.22 18.43
N GLU A 328 9.45 -5.33 19.01
CA GLU A 328 10.19 -6.57 18.79
C GLU A 328 9.72 -7.32 17.54
N GLU A 329 8.67 -6.80 16.93
CA GLU A 329 8.16 -7.38 15.73
C GLU A 329 8.39 -6.44 14.56
N PRO A 330 8.61 -6.98 13.37
CA PRO A 330 8.84 -6.17 12.15
C PRO A 330 7.60 -5.38 11.71
N GLY A 331 7.83 -4.27 11.03
CA GLY A 331 6.76 -3.43 10.55
C GLY A 331 7.31 -2.76 9.31
N TRP A 332 7.03 -3.36 8.16
CA TRP A 332 7.50 -2.85 6.87
C TRP A 332 6.41 -2.07 6.16
N TYR A 333 6.12 -2.43 4.92
CA TYR A 333 5.09 -1.73 4.19
C TYR A 333 3.69 -1.73 4.78
N SER A 334 2.98 -0.62 4.64
CA SER A 334 1.62 -0.59 5.11
C SER A 334 0.69 0.03 4.06
N PHE A 335 -0.55 -0.42 4.05
CA PHE A 335 -1.53 0.00 3.06
C PHE A 335 -2.90 0.02 3.72
N GLY A 336 -3.87 0.64 3.08
CA GLY A 336 -5.20 0.65 3.65
C GLY A 336 -6.15 -0.05 2.70
N PHE A 337 -7.17 -0.69 3.24
CA PHE A 337 -8.15 -1.31 2.34
C PHE A 337 -9.58 -1.14 2.88
N GLU A 338 -10.57 -1.43 2.08
CA GLU A 338 -11.91 -1.21 2.52
C GLU A 338 -12.79 -2.40 2.19
N ILE A 339 -13.54 -2.87 3.18
CA ILE A 339 -14.44 -4.00 2.98
C ILE A 339 -15.85 -3.49 2.71
N LYS A 340 -16.53 -4.09 1.74
CA LYS A 340 -17.87 -3.73 1.34
C LYS A 340 -19.01 -4.40 2.13
N ASP A 341 -19.66 -3.67 3.04
CA ASP A 341 -20.79 -4.24 3.79
C ASP A 341 -22.00 -3.97 2.89
N LYS A 342 -23.20 -4.21 3.40
CA LYS A 342 -24.40 -3.99 2.59
C LYS A 342 -24.69 -2.48 2.42
N LYS A 343 -24.63 -1.75 3.52
CA LYS A 343 -24.92 -0.32 3.49
C LYS A 343 -23.75 0.53 3.99
N CYS A 344 -22.53 -0.02 4.04
CA CYS A 344 -21.39 0.78 4.51
C CYS A 344 -20.00 0.18 4.18
N ASP A 345 -18.97 1.03 4.11
CA ASP A 345 -17.60 0.58 3.80
C ASP A 345 -16.79 0.47 5.08
N VAL A 346 -16.13 -0.65 5.28
CA VAL A 346 -15.33 -0.85 6.46
C VAL A 346 -13.85 -0.56 6.15
N PRO A 347 -13.23 0.42 6.85
CA PRO A 347 -11.83 0.73 6.61
C PRO A 347 -10.85 -0.24 7.30
N CYS A 348 -9.73 -0.52 6.65
CA CYS A 348 -8.75 -1.43 7.20
C CYS A 348 -7.34 -1.00 6.86
N ILE A 349 -6.40 -1.48 7.67
CA ILE A 349 -4.97 -1.23 7.48
C ILE A 349 -4.24 -2.55 7.67
N GLY A 350 -3.55 -2.95 6.61
CA GLY A 350 -2.72 -4.16 6.60
C GLY A 350 -1.27 -3.75 6.88
N ILE A 351 -0.50 -4.67 7.44
CA ILE A 351 0.88 -4.39 7.80
C ILE A 351 1.70 -5.57 7.36
N GLU A 352 2.59 -5.33 6.42
CA GLU A 352 3.51 -6.36 5.95
C GLU A 352 4.56 -6.57 7.05
N MET A 353 4.77 -7.81 7.45
CA MET A 353 5.75 -8.10 8.46
C MET A 353 6.79 -8.99 7.84
N VAL A 354 7.88 -8.38 7.36
CA VAL A 354 8.97 -9.09 6.71
C VAL A 354 9.88 -9.88 7.62
N HIS A 355 10.11 -11.13 7.22
CA HIS A 355 10.98 -12.13 7.88
C HIS A 355 12.32 -11.85 7.17
N ASP A 356 13.24 -11.20 7.88
CA ASP A 356 14.48 -10.82 7.27
C ASP A 356 15.70 -11.35 7.97
N GLY A 357 16.06 -12.57 7.62
CA GLY A 357 17.24 -13.23 8.16
C GLY A 357 18.43 -12.83 7.31
N GLY A 358 18.27 -11.66 6.69
CA GLY A 358 19.32 -11.09 5.87
C GLY A 358 19.64 -11.65 4.50
N LYS A 359 20.95 -11.59 4.24
CA LYS A 359 21.59 -11.95 2.98
C LYS A 359 21.66 -13.36 2.42
N ASP A 360 21.94 -14.37 3.23
CA ASP A 360 21.95 -15.70 2.64
C ASP A 360 20.85 -16.68 3.10
N THR A 361 19.61 -16.29 2.87
CA THR A 361 18.47 -17.16 3.22
C THR A 361 17.20 -16.78 2.42
N TRP A 362 16.02 -17.15 2.88
CA TRP A 362 14.83 -16.79 2.14
C TRP A 362 14.36 -15.40 2.63
N HIS A 363 13.43 -14.76 1.91
CA HIS A 363 12.97 -13.42 2.28
C HIS A 363 11.50 -13.24 1.97
N SER A 364 10.64 -13.35 2.99
CA SER A 364 9.18 -13.24 2.80
C SER A 364 8.51 -12.59 4.01
N ALA A 365 7.31 -12.10 3.84
CA ALA A 365 6.60 -11.44 4.92
C ALA A 365 5.30 -12.13 5.37
N ALA A 366 4.67 -11.55 6.38
CA ALA A 366 3.42 -12.02 6.90
C ALA A 366 2.50 -10.81 6.74
N THR A 367 1.22 -10.99 7.05
CA THR A 367 0.28 -9.91 6.87
C THR A 367 -0.70 -9.87 8.01
N ALA A 368 -0.58 -8.80 8.78
CA ALA A 368 -1.45 -8.55 9.92
C ALA A 368 -2.48 -7.51 9.46
N ILE A 369 -3.74 -7.82 9.72
CA ILE A 369 -4.85 -6.96 9.36
C ILE A 369 -5.57 -6.41 10.60
N TYR A 370 -5.91 -5.13 10.51
CA TYR A 370 -6.59 -4.42 11.57
C TYR A 370 -7.69 -3.69 10.87
N CYS A 371 -8.88 -3.72 11.44
CA CYS A 371 -10.03 -3.04 10.84
C CYS A 371 -10.87 -2.31 11.91
N LEU A 372 -11.56 -1.24 11.51
CA LEU A 372 -12.38 -0.48 12.47
C LEU A 372 -13.49 -1.37 13.08
N MET A 373 -13.47 -1.54 14.40
CA MET A 373 -14.46 -2.35 15.15
C MET A 373 -14.88 -1.71 16.45
N GLY A 374 -16.16 -1.38 16.52
CA GLY A 374 -16.73 -0.77 17.70
C GLY A 374 -16.03 0.44 18.29
N SER A 375 -15.91 0.41 19.61
CA SER A 375 -15.31 1.53 20.31
C SER A 375 -14.29 1.13 21.35
N GLY A 376 -13.82 2.14 22.08
CA GLY A 376 -12.85 1.92 23.13
C GLY A 376 -11.48 2.01 22.53
N GLN A 377 -10.58 1.14 22.93
CA GLN A 377 -9.25 1.26 22.37
C GLN A 377 -8.69 -0.02 21.75
N LEU A 378 -7.74 0.14 20.83
CA LEU A 378 -7.08 -0.97 20.18
C LEU A 378 -6.57 -1.88 21.29
N LEU A 379 -6.96 -3.14 21.23
CA LEU A 379 -6.58 -4.06 22.28
C LEU A 379 -5.38 -5.01 22.14
N TRP A 380 -5.00 -5.41 20.94
CA TRP A 380 -3.90 -6.36 20.85
C TRP A 380 -2.92 -6.11 19.71
N ASP A 381 -1.71 -6.64 19.85
CA ASP A 381 -0.73 -6.50 18.78
C ASP A 381 -0.59 -7.84 18.06
N THR A 382 0.24 -7.84 17.02
CA THR A 382 0.51 -9.05 16.27
C THR A 382 1.99 -9.44 16.32
N VAL A 383 2.21 -10.74 16.31
CA VAL A 383 3.52 -11.35 16.28
C VAL A 383 3.41 -12.36 15.12
N THR A 384 4.51 -12.66 14.43
CA THR A 384 4.43 -13.63 13.34
C THR A 384 4.42 -15.08 13.87
N GLY A 385 5.24 -15.33 14.87
CA GLY A 385 5.33 -16.66 15.44
C GLY A 385 6.23 -17.56 14.61
N VAL A 386 6.99 -16.94 13.71
CA VAL A 386 7.92 -17.62 12.82
C VAL A 386 9.36 -17.75 13.36
N ASP A 387 9.95 -18.93 13.20
CA ASP A 387 11.32 -19.16 13.60
C ASP A 387 12.07 -19.42 12.30
N MET A 388 12.91 -18.49 11.89
CA MET A 388 13.62 -18.63 10.61
C MET A 388 14.62 -19.76 10.53
N ALA A 389 14.73 -20.55 11.59
CA ALA A 389 15.67 -21.65 11.63
C ALA A 389 15.08 -22.99 11.20
N LEU A 390 13.78 -23.12 11.39
CA LEU A 390 13.03 -24.32 11.08
C LEU A 390 12.80 -24.45 9.60
#